data_6T9M
#
_entry.id   6T9M
#
_cell.length_a   45.894
_cell.length_b   54.899
_cell.length_c   80.311
_cell.angle_alpha   90.000
_cell.angle_beta   101.038
_cell.angle_gamma   90.000
#
_symmetry.space_group_name_H-M   'P 1 21 1'
#
loop_
_entity.id
_entity.type
_entity.pdbx_description
1 polymer Peroxiredoxin
2 polymer 'Peptide in active site'
3 non-polymer 'PENTAETHYLENE GLYCOL'
4 non-polymer DI(HYDROXYETHYL)ETHER
5 water water
#
loop_
_entity_poly.entity_id
_entity_poly.type
_entity_poly.pdbx_seq_one_letter_code
_entity_poly.pdbx_strand_id
1 'polypeptide(L)'
;MGSSHHHHHHSSGLEVLFQGPAMKTLKDSKKLVRPQITDPYNPIVENANCPDINPIVAEYVLGNPTNVDAQLLDAVIFAF
AEIDQSGNLFIPYPRFLNQLLALKGEKPSLKVIVAIGGWGAEGFSDAALTPTSRYNFARQVNQMINEYALDGIDIDWEYP
GSSASGITSRPQDRENFTLLLTAIRDVIGDDKWLSVAGTGDRGYINSSAEIDKIAPIIDYFNLMSYDFTAGETGPNGRKH
QANLFDSDLSLPGYSVDAMVRNLENAGMPSEKILLGIPFYGRLGATITRTYDELRRDYINKNGYEYRFDNTAQVPYLVKD
GDFAMSYDDALSIFLKTQYVLRNCLGGVFSWTSTYDQANILARTMSIGINDPEVLKEELEGIYGQF
;
AAA
2 'polypeptide(L)' GPAMK BBB
#
# COMPACT_ATOMS: atom_id res chain seq x y z
N ILE A 37 -20.27 24.18 -17.26
CA ILE A 37 -19.01 23.28 -17.13
C ILE A 37 -18.14 23.31 -18.38
N THR A 38 -17.07 24.09 -18.38
CA THR A 38 -16.17 24.26 -19.57
C THR A 38 -14.99 23.29 -19.47
N ASP A 39 -14.66 22.78 -18.28
CA ASP A 39 -13.45 21.96 -18.03
C ASP A 39 -13.88 20.61 -17.42
N PRO A 40 -14.58 19.73 -18.15
CA PRO A 40 -14.96 18.41 -17.68
C PRO A 40 -13.74 17.57 -17.28
N TYR A 41 -13.93 16.76 -16.24
CA TYR A 41 -12.91 15.79 -15.83
C TYR A 41 -13.09 14.50 -16.63
N ASN A 42 -12.45 14.39 -17.78
CA ASN A 42 -12.65 13.26 -18.71
C ASN A 42 -11.73 12.14 -18.26
N PRO A 43 -12.26 10.95 -17.94
CA PRO A 43 -11.39 9.95 -17.41
C PRO A 43 -10.47 9.34 -18.46
N ILE A 44 -9.23 9.13 -18.13
CA ILE A 44 -8.35 8.25 -18.91
C ILE A 44 -8.79 6.82 -18.75
N VAL A 45 -8.80 6.07 -19.84
CA VAL A 45 -9.06 4.63 -19.81
C VAL A 45 -7.79 3.92 -20.17
N GLU A 46 -7.24 4.24 -21.31
CA GLU A 46 -5.89 3.70 -21.66
C GLU A 46 -5.04 4.90 -22.02
N ASN A 47 -3.88 4.97 -21.44
CA ASN A 47 -2.89 6.02 -21.70
C ASN A 47 -2.07 5.66 -22.91
N ALA A 48 -2.26 6.43 -23.97
CA ALA A 48 -1.55 6.18 -25.24
C ALA A 48 -0.04 6.37 -25.09
N ASN A 49 0.43 7.03 -24.03
CA ASN A 49 1.88 7.18 -23.79
C ASN A 49 2.51 5.91 -23.19
N CYS A 50 1.72 5.00 -22.65
CA CYS A 50 2.22 3.71 -22.06
C CYS A 50 1.12 2.67 -22.25
N PRO A 51 0.75 2.36 -23.51
CA PRO A 51 -0.13 1.24 -23.80
C PRO A 51 0.73 -0.02 -23.53
N ASP A 52 0.11 -1.09 -23.22
CA ASP A 52 0.91 -2.27 -22.88
C ASP A 52 1.31 -2.24 -21.40
N ILE A 53 1.25 -1.14 -20.62
CA ILE A 53 1.35 -1.33 -19.16
C ILE A 53 -0.05 -1.88 -18.95
N ASN A 54 -0.16 -2.78 -18.09
CA ASN A 54 -1.57 -3.26 -17.84
C ASN A 54 -1.63 -3.13 -16.35
N PRO A 55 -1.90 -1.95 -15.79
CA PRO A 55 -1.77 -1.77 -14.34
C PRO A 55 -2.61 -2.75 -13.57
N ILE A 56 -2.10 -3.15 -12.43
CA ILE A 56 -2.74 -4.19 -11.58
C ILE A 56 -3.45 -3.61 -10.38
N VAL A 57 -4.31 -4.42 -9.82
CA VAL A 57 -5.09 -4.14 -8.63
C VAL A 57 -4.74 -5.18 -7.58
N ALA A 58 -4.32 -4.81 -6.39
CA ALA A 58 -3.96 -5.77 -5.34
C ALA A 58 -4.59 -5.37 -4.03
N GLU A 59 -4.69 -6.34 -3.12
CA GLU A 59 -5.00 -6.02 -1.71
C GLU A 59 -4.02 -6.75 -0.82
N TYR A 60 -3.55 -6.10 0.20
CA TYR A 60 -3.00 -6.79 1.38
C TYR A 60 -4.15 -7.37 2.16
N VAL A 61 -3.97 -8.59 2.67
CA VAL A 61 -5.03 -9.32 3.39
C VAL A 61 -4.44 -9.73 4.73
N LEU A 62 -4.84 -9.05 5.76
CA LEU A 62 -4.45 -9.29 7.17
C LEU A 62 -5.62 -9.99 7.87
N GLY A 63 -5.45 -11.21 8.29
CA GLY A 63 -6.50 -11.93 9.00
C GLY A 63 -7.39 -12.71 8.08
N ASN A 64 -8.59 -13.04 8.55
CA ASN A 64 -9.44 -14.02 7.92
C ASN A 64 -9.87 -13.52 6.56
N PRO A 65 -9.57 -14.23 5.45
CA PRO A 65 -9.79 -13.73 4.11
C PRO A 65 -11.17 -14.07 3.51
N THR A 66 -12.13 -14.40 4.37
CA THR A 66 -13.48 -14.87 3.93
C THR A 66 -14.13 -13.96 2.89
N ASN A 67 -13.96 -12.66 3.02
CA ASN A 67 -14.68 -11.76 2.12
C ASN A 67 -13.87 -11.34 0.90
N VAL A 68 -12.65 -11.81 0.72
CA VAL A 68 -11.85 -11.38 -0.45
C VAL A 68 -12.56 -11.82 -1.69
N ASP A 69 -12.63 -10.93 -2.70
CA ASP A 69 -13.28 -11.20 -4.01
C ASP A 69 -12.18 -11.22 -5.07
N ALA A 70 -11.77 -12.39 -5.47
CA ALA A 70 -10.71 -12.56 -6.47
C ALA A 70 -11.06 -11.92 -7.79
N GLN A 71 -12.36 -11.81 -8.12
CA GLN A 71 -12.73 -11.27 -9.40
C GLN A 71 -12.29 -9.82 -9.53
N LEU A 72 -12.14 -9.12 -8.43
CA LEU A 72 -11.72 -7.71 -8.46
C LEU A 72 -10.24 -7.53 -8.65
N LEU A 73 -9.43 -8.54 -8.43
CA LEU A 73 -8.00 -8.40 -8.12
C LEU A 73 -7.11 -9.12 -9.10
N ASP A 74 -5.91 -8.62 -9.28
CA ASP A 74 -4.82 -9.32 -9.94
C ASP A 74 -3.91 -10.02 -8.98
N ALA A 75 -3.81 -9.55 -7.74
CA ALA A 75 -2.92 -10.11 -6.72
C ALA A 75 -3.50 -9.94 -5.37
N VAL A 76 -3.20 -10.90 -4.50
CA VAL A 76 -3.50 -10.79 -3.06
C VAL A 76 -2.20 -11.00 -2.34
N ILE A 77 -1.97 -10.21 -1.29
CA ILE A 77 -0.74 -10.27 -0.51
C ILE A 77 -1.09 -10.63 0.90
N PHE A 78 -0.78 -11.87 1.31
CA PHE A 78 -1.02 -12.33 2.66
C PHE A 78 -0.11 -11.57 3.60
N ALA A 79 -0.65 -11.04 4.67
CA ALA A 79 0.06 -10.28 5.70
C ALA A 79 -0.15 -10.96 7.01
N PHE A 80 0.89 -11.46 7.69
CA PHE A 80 2.31 -11.47 7.41
C PHE A 80 2.94 -12.75 7.84
N ALA A 81 3.93 -13.20 7.12
CA ALA A 81 4.96 -14.08 7.70
C ALA A 81 5.85 -13.27 8.58
N GLU A 82 6.23 -13.85 9.73
CA GLU A 82 7.10 -13.21 10.73
C GLU A 82 8.46 -13.88 10.68
N ILE A 83 9.43 -13.21 11.28
CA ILE A 83 10.78 -13.78 11.52
C ILE A 83 10.85 -14.01 13.01
N ASP A 84 10.98 -15.25 13.42
CA ASP A 84 11.00 -15.60 14.87
C ASP A 84 12.35 -15.26 15.46
N GLN A 85 12.49 -15.47 16.78
CA GLN A 85 13.66 -15.02 17.55
C GLN A 85 14.92 -15.77 17.13
N SER A 86 14.80 -16.91 16.45
CA SER A 86 15.91 -17.73 15.90
C SER A 86 16.17 -17.41 14.43
N GLY A 87 15.48 -16.44 13.85
CA GLY A 87 15.72 -16.06 12.45
C GLY A 87 14.89 -16.87 11.45
N ASN A 88 13.95 -17.66 11.93
CA ASN A 88 13.16 -18.54 11.07
C ASN A 88 11.79 -17.92 10.71
N LEU A 89 11.33 -18.15 9.49
CA LEU A 89 10.00 -17.63 9.09
C LEU A 89 8.92 -18.42 9.83
N PHE A 90 7.82 -17.75 10.11
CA PHE A 90 6.67 -18.29 10.84
C PHE A 90 5.42 -17.70 10.20
N ILE A 91 4.44 -18.54 9.95
CA ILE A 91 3.12 -18.15 9.44
C ILE A 91 2.10 -18.39 10.52
N PRO A 92 1.52 -17.34 11.12
CA PRO A 92 0.56 -17.58 12.25
C PRO A 92 -0.64 -18.61 12.18
N TYR A 93 -1.39 -18.29 11.18
CA TYR A 93 -2.69 -18.91 10.75
C TYR A 93 -2.54 -19.38 9.31
N PRO A 94 -1.82 -20.47 9.06
CA PRO A 94 -1.59 -20.92 7.70
C PRO A 94 -2.87 -21.21 6.90
N ARG A 95 -3.97 -21.60 7.58
CA ARG A 95 -5.19 -21.88 6.81
C ARG A 95 -5.64 -20.63 6.04
N PHE A 96 -5.35 -19.42 6.58
CA PHE A 96 -5.76 -18.19 5.87
C PHE A 96 -4.95 -18.02 4.57
N LEU A 97 -3.65 -18.36 4.64
CA LEU A 97 -2.82 -18.37 3.41
C LEU A 97 -3.37 -19.40 2.43
N ASN A 98 -3.67 -20.61 2.94
CA ASN A 98 -4.20 -21.65 2.08
C ASN A 98 -5.53 -21.23 1.43
N GLN A 99 -6.38 -20.53 2.21
CA GLN A 99 -7.62 -20.02 1.64
C GLN A 99 -7.39 -19.02 0.51
N LEU A 100 -6.39 -18.13 0.67
CA LEU A 100 -6.06 -17.23 -0.44
C LEU A 100 -5.56 -17.97 -1.65
N LEU A 101 -4.71 -18.99 -1.45
CA LEU A 101 -4.22 -19.80 -2.56
C LEU A 101 -5.37 -20.45 -3.30
N ALA A 102 -6.38 -20.92 -2.54
CA ALA A 102 -7.49 -21.61 -3.18
C ALA A 102 -8.36 -20.71 -4.05
N LEU A 103 -8.20 -19.37 -3.89
CA LEU A 103 -8.84 -18.46 -4.85
C LEU A 103 -8.32 -18.66 -6.27
N LYS A 104 -7.15 -19.26 -6.42
CA LYS A 104 -6.65 -19.59 -7.77
C LYS A 104 -7.47 -20.68 -8.43
N GLY A 105 -8.33 -21.38 -7.70
CA GLY A 105 -9.28 -22.31 -8.30
C GLY A 105 -10.32 -21.62 -9.14
N GLU A 106 -10.81 -20.49 -8.69
CA GLU A 106 -11.78 -19.64 -9.42
C GLU A 106 -11.08 -18.79 -10.47
N LYS A 107 -9.87 -18.33 -10.17
CA LYS A 107 -9.14 -17.37 -11.02
C LYS A 107 -7.69 -17.80 -11.07
N PRO A 108 -7.33 -18.70 -12.00
CA PRO A 108 -5.97 -19.25 -12.01
C PRO A 108 -4.86 -18.21 -12.28
N SER A 109 -5.24 -17.09 -12.87
CA SER A 109 -4.28 -16.01 -13.15
C SER A 109 -3.94 -15.19 -11.90
N LEU A 110 -4.72 -15.34 -10.81
CA LEU A 110 -4.48 -14.54 -9.60
C LEU A 110 -3.09 -14.83 -9.06
N LYS A 111 -2.35 -13.82 -8.70
CA LYS A 111 -1.08 -14.00 -8.03
C LYS A 111 -1.23 -13.97 -6.53
N VAL A 112 -0.68 -14.93 -5.82
CA VAL A 112 -0.74 -15.01 -4.36
C VAL A 112 0.65 -14.84 -3.82
N ILE A 113 0.84 -13.78 -3.07
CA ILE A 113 2.12 -13.33 -2.53
C ILE A 113 2.11 -13.38 -1.03
N VAL A 114 3.22 -13.72 -0.37
CA VAL A 114 3.34 -13.58 1.09
C VAL A 114 4.21 -12.39 1.41
N ALA A 115 3.69 -11.47 2.22
CA ALA A 115 4.49 -10.40 2.81
C ALA A 115 5.17 -10.88 4.07
N ILE A 116 6.43 -10.56 4.18
CA ILE A 116 7.27 -10.84 5.35
C ILE A 116 7.54 -9.53 6.07
N GLY A 117 7.17 -9.45 7.34
CA GLY A 117 7.49 -8.29 8.14
C GLY A 117 6.24 -7.60 8.68
N GLY A 118 6.17 -6.31 8.43
CA GLY A 118 5.11 -5.46 8.96
C GLY A 118 5.64 -4.51 10.04
N TRP A 119 4.85 -3.56 10.43
CA TRP A 119 5.22 -2.64 11.49
C TRP A 119 5.49 -3.42 12.78
N GLY A 120 6.65 -3.15 13.35
CA GLY A 120 7.06 -3.80 14.61
C GLY A 120 7.76 -5.13 14.44
N ALA A 121 7.84 -5.66 13.21
CA ALA A 121 8.35 -7.02 12.97
C ALA A 121 9.88 -6.94 13.00
N GLU A 122 10.47 -7.67 13.96
CA GLU A 122 11.89 -7.79 14.15
C GLU A 122 12.51 -8.82 13.23
N GLY A 123 13.77 -8.69 12.99
CA GLY A 123 14.59 -9.73 12.38
C GLY A 123 15.33 -9.28 11.14
N PHE A 124 14.94 -8.18 10.50
CA PHE A 124 15.55 -7.84 9.22
C PHE A 124 16.95 -7.29 9.31
N SER A 125 17.24 -6.43 10.29
CA SER A 125 18.63 -5.90 10.37
C SER A 125 19.64 -7.06 10.51
N ASP A 126 19.31 -8.00 11.35
CA ASP A 126 20.17 -9.21 11.51
C ASP A 126 20.16 -10.04 10.23
N ALA A 127 19.02 -10.23 9.57
CA ALA A 127 18.95 -11.06 8.35
C ALA A 127 19.83 -10.47 7.27
N ALA A 128 19.87 -9.13 7.16
CA ALA A 128 20.60 -8.48 6.10
C ALA A 128 22.13 -8.39 6.34
N LEU A 129 22.57 -8.73 7.55
CA LEU A 129 23.90 -8.29 8.05
C LEU A 129 25.07 -8.87 7.31
N THR A 130 25.07 -10.17 7.02
CA THR A 130 26.27 -10.85 6.52
C THR A 130 25.94 -11.71 5.31
N PRO A 131 26.92 -12.19 4.54
CA PRO A 131 26.64 -13.14 3.48
C PRO A 131 25.91 -14.37 4.00
N THR A 132 26.28 -14.87 5.17
CA THR A 132 25.63 -16.03 5.79
C THR A 132 24.17 -15.75 6.11
N SER A 133 23.93 -14.64 6.81
CA SER A 133 22.54 -14.35 7.21
C SER A 133 21.67 -14.11 6.00
N ARG A 134 22.21 -13.50 4.97
CA ARG A 134 21.44 -13.22 3.76
C ARG A 134 21.12 -14.51 3.03
N TYR A 135 22.12 -15.40 2.89
CA TYR A 135 21.85 -16.75 2.35
C TYR A 135 20.73 -17.42 3.13
N ASN A 136 20.80 -17.36 4.46
CA ASN A 136 19.85 -18.07 5.28
C ASN A 136 18.44 -17.56 5.08
N PHE A 137 18.30 -16.23 4.98
CA PHE A 137 16.97 -15.64 4.75
C PHE A 137 16.48 -16.05 3.36
N ALA A 138 17.29 -15.93 2.33
CA ALA A 138 16.88 -16.27 1.00
C ALA A 138 16.50 -17.75 0.91
N ARG A 139 17.27 -18.61 1.57
CA ARG A 139 16.96 -20.06 1.60
C ARG A 139 15.52 -20.26 2.09
N GLN A 140 15.21 -19.59 3.20
CA GLN A 140 13.86 -19.76 3.81
C GLN A 140 12.77 -19.19 2.91
N VAL A 141 13.03 -18.06 2.25
CA VAL A 141 12.04 -17.51 1.33
C VAL A 141 11.69 -18.54 0.27
N ASN A 142 12.70 -19.14 -0.37
CA ASN A 142 12.42 -20.05 -1.45
C ASN A 142 11.75 -21.34 -0.91
N GLN A 143 12.13 -21.81 0.26
CA GLN A 143 11.47 -22.98 0.81
C GLN A 143 9.98 -22.67 1.01
N MET A 144 9.65 -21.49 1.47
CA MET A 144 8.25 -21.09 1.68
C MET A 144 7.51 -21.01 0.35
N ILE A 145 8.10 -20.40 -0.68
CA ILE A 145 7.52 -20.35 -2.02
C ILE A 145 7.20 -21.76 -2.47
N ASN A 146 8.15 -22.68 -2.35
CA ASN A 146 7.95 -24.05 -2.84
C ASN A 146 6.88 -24.77 -2.00
N GLU A 147 6.90 -24.62 -0.71
CA GLU A 147 5.97 -25.33 0.21
C GLU A 147 4.53 -24.96 -0.18
N TYR A 148 4.27 -23.69 -0.41
CA TYR A 148 2.91 -23.18 -0.60
C TYR A 148 2.58 -22.93 -2.05
N ALA A 149 3.50 -23.15 -2.97
CA ALA A 149 3.32 -22.82 -4.38
C ALA A 149 2.94 -21.34 -4.54
N LEU A 150 3.66 -20.49 -3.83
CA LEU A 150 3.42 -19.04 -3.94
C LEU A 150 3.84 -18.50 -5.29
N ASP A 151 3.29 -17.35 -5.66
CA ASP A 151 3.76 -16.63 -6.82
C ASP A 151 4.90 -15.68 -6.49
N GLY A 152 5.20 -15.46 -5.24
CA GLY A 152 6.34 -14.63 -4.82
C GLY A 152 6.15 -14.08 -3.43
N ILE A 153 6.97 -13.07 -3.12
CA ILE A 153 7.05 -12.50 -1.76
C ILE A 153 7.18 -11.00 -1.83
N ASP A 154 6.70 -10.39 -0.78
CA ASP A 154 6.80 -8.95 -0.49
C ASP A 154 7.65 -8.80 0.77
N ILE A 155 8.57 -7.86 0.76
CA ILE A 155 9.42 -7.53 1.91
C ILE A 155 8.93 -6.25 2.51
N ASP A 156 8.51 -6.29 3.75
CA ASP A 156 7.94 -5.15 4.47
C ASP A 156 8.74 -4.86 5.75
N TRP A 157 9.92 -4.30 5.58
CA TRP A 157 10.83 -3.93 6.64
C TRP A 157 10.59 -2.46 6.94
N GLU A 158 10.10 -2.16 8.15
CA GLU A 158 9.69 -0.78 8.49
C GLU A 158 10.54 -0.25 9.65
N TYR A 159 11.72 0.25 9.40
CA TYR A 159 12.35 0.54 8.08
C TYR A 159 13.85 0.31 8.27
N PRO A 160 14.59 -0.01 7.21
CA PRO A 160 16.04 -0.10 7.34
C PRO A 160 16.60 1.17 7.97
N GLY A 161 17.49 1.03 8.93
CA GLY A 161 18.16 2.18 9.54
C GLY A 161 17.34 2.89 10.57
N SER A 162 16.11 2.46 10.81
CA SER A 162 15.19 3.14 11.75
C SER A 162 14.71 2.18 12.81
N SER A 163 14.72 2.62 14.07
CA SER A 163 14.17 1.89 15.25
C SER A 163 12.87 2.58 15.70
N ALA A 164 12.19 3.30 14.79
CA ALA A 164 10.91 3.97 15.09
C ALA A 164 9.89 3.00 15.70
N SER A 165 9.82 1.74 15.19
CA SER A 165 8.82 0.79 15.67
C SER A 165 9.31 0.04 16.92
N GLY A 166 10.58 0.22 17.35
CA GLY A 166 11.23 -0.53 18.42
C GLY A 166 12.20 -1.56 17.91
N ILE A 167 12.20 -1.88 16.63
CA ILE A 167 13.08 -2.94 16.08
C ILE A 167 14.53 -2.48 16.07
N THR A 168 15.43 -3.47 16.03
CA THR A 168 16.86 -3.23 15.85
C THR A 168 17.11 -2.49 14.55
N SER A 169 18.04 -1.57 14.50
CA SER A 169 18.50 -0.93 13.26
C SER A 169 19.98 -0.72 13.33
N ARG A 170 20.60 -0.51 12.22
CA ARG A 170 22.05 -0.26 12.08
C ARG A 170 22.23 0.72 10.93
N PRO A 171 23.27 1.57 10.99
CA PRO A 171 23.52 2.44 9.86
C PRO A 171 23.89 1.73 8.55
N GLN A 172 24.28 0.48 8.65
CA GLN A 172 24.61 -0.37 7.46
C GLN A 172 23.34 -0.99 6.84
N ASP A 173 22.19 -0.82 7.49
CA ASP A 173 20.97 -1.47 6.96
C ASP A 173 20.68 -1.02 5.53
N ARG A 174 20.79 0.25 5.20
CA ARG A 174 20.41 0.71 3.86
C ARG A 174 21.21 -0.04 2.76
N GLU A 175 22.53 -0.12 2.91
CA GLU A 175 23.32 -0.86 1.91
C GLU A 175 23.06 -2.38 2.03
N ASN A 176 22.90 -2.85 3.23
CA ASN A 176 22.68 -4.30 3.42
C ASN A 176 21.34 -4.72 2.84
N PHE A 177 20.35 -3.84 2.80
CA PHE A 177 19.03 -4.19 2.23
C PHE A 177 19.14 -4.53 0.77
N THR A 178 19.93 -3.78 0.03
CA THR A 178 20.14 -4.08 -1.38
C THR A 178 20.73 -5.49 -1.52
N LEU A 179 21.74 -5.76 -0.69
CA LEU A 179 22.40 -7.10 -0.77
C LEU A 179 21.40 -8.19 -0.40
N LEU A 180 20.53 -7.96 0.55
CA LEU A 180 19.50 -8.96 0.91
C LEU A 180 18.57 -9.20 -0.25
N LEU A 181 18.10 -8.15 -0.91
CA LEU A 181 17.20 -8.31 -2.04
C LEU A 181 17.86 -9.07 -3.18
N THR A 182 19.15 -8.76 -3.45
CA THR A 182 19.90 -9.56 -4.43
C THR A 182 19.97 -11.03 -4.07
N ALA A 183 20.25 -11.29 -2.79
CA ALA A 183 20.28 -12.71 -2.32
C ALA A 183 18.96 -13.42 -2.59
N ILE A 184 17.86 -12.73 -2.33
CA ILE A 184 16.52 -13.30 -2.54
C ILE A 184 16.27 -13.50 -4.03
N ARG A 185 16.49 -12.47 -4.86
CA ARG A 185 16.23 -12.61 -6.28
C ARG A 185 17.04 -13.77 -6.87
N ASP A 186 18.30 -13.86 -6.48
CA ASP A 186 19.19 -14.91 -7.04
C ASP A 186 18.63 -16.29 -6.81
N VAL A 187 18.09 -16.51 -5.62
N VAL A 187 18.08 -16.50 -5.63
CA VAL A 187 17.51 -17.82 -5.30
CA VAL A 187 17.51 -17.81 -5.26
C VAL A 187 16.15 -18.03 -5.95
C VAL A 187 16.14 -18.04 -5.89
N ILE A 188 15.25 -17.04 -5.91
CA ILE A 188 13.89 -17.31 -6.36
C ILE A 188 13.79 -17.30 -7.88
N GLY A 189 14.69 -16.60 -8.56
CA GLY A 189 14.68 -16.48 -10.01
C GLY A 189 13.81 -15.35 -10.49
N ASP A 190 13.80 -15.17 -11.80
CA ASP A 190 13.11 -14.02 -12.42
C ASP A 190 11.63 -14.20 -12.55
N ASP A 191 11.14 -15.41 -12.48
CA ASP A 191 9.73 -15.75 -12.74
C ASP A 191 8.90 -15.84 -11.46
N LYS A 192 9.37 -15.38 -10.38
CA LYS A 192 8.63 -15.16 -9.15
C LYS A 192 8.62 -13.67 -8.84
N TRP A 193 7.56 -13.21 -8.23
CA TRP A 193 7.36 -11.83 -7.80
C TRP A 193 8.21 -11.55 -6.61
N LEU A 194 8.90 -10.40 -6.64
CA LEU A 194 9.57 -9.81 -5.50
C LEU A 194 9.17 -8.34 -5.41
N SER A 195 8.56 -7.94 -4.31
CA SER A 195 8.25 -6.54 -4.08
C SER A 195 8.81 -6.08 -2.76
N VAL A 196 8.93 -4.77 -2.62
CA VAL A 196 9.34 -4.07 -1.40
C VAL A 196 8.28 -3.07 -1.05
N ALA A 197 7.79 -3.07 0.17
CA ALA A 197 6.91 -2.06 0.71
C ALA A 197 7.71 -0.98 1.35
N GLY A 198 7.44 0.27 1.03
CA GLY A 198 8.18 1.40 1.58
C GLY A 198 7.42 2.66 1.39
N THR A 199 8.08 3.77 1.69
CA THR A 199 7.48 5.11 1.51
C THR A 199 8.29 5.91 0.55
N GLY A 200 7.76 7.09 0.20
CA GLY A 200 8.40 7.97 -0.76
C GLY A 200 8.83 9.28 -0.14
N ASP A 201 8.94 9.36 1.17
CA ASP A 201 9.48 10.60 1.78
C ASP A 201 10.99 10.61 1.57
N ARG A 202 11.52 11.83 1.62
CA ARG A 202 12.94 12.00 1.40
C ARG A 202 13.76 11.22 2.42
N GLY A 203 13.30 11.11 3.66
CA GLY A 203 14.06 10.37 4.65
C GLY A 203 14.20 8.90 4.31
N TYR A 204 13.14 8.25 3.85
CA TYR A 204 13.24 6.84 3.45
C TYR A 204 14.21 6.71 2.31
N ILE A 205 14.12 7.58 1.32
CA ILE A 205 14.96 7.53 0.13
C ILE A 205 16.43 7.78 0.47
N ASN A 206 16.70 8.63 1.45
CA ASN A 206 18.09 8.95 1.78
C ASN A 206 18.69 8.00 2.80
N SER A 207 17.88 7.40 3.68
N SER A 207 17.89 7.46 3.75
CA SER A 207 18.36 6.71 4.90
CA SER A 207 18.44 6.71 4.90
C SER A 207 17.98 5.24 4.92
C SER A 207 17.96 5.26 4.97
N SER A 208 16.94 4.82 4.19
CA SER A 208 16.43 3.43 4.29
C SER A 208 16.78 2.61 3.09
N ALA A 209 16.58 3.09 1.90
CA ALA A 209 16.69 2.25 0.73
C ALA A 209 17.50 2.94 -0.36
N GLU A 210 18.31 2.19 -1.07
CA GLU A 210 18.99 2.69 -2.27
C GLU A 210 18.07 2.50 -3.45
N ILE A 211 17.25 3.52 -3.72
CA ILE A 211 16.12 3.33 -4.66
C ILE A 211 16.61 2.89 -6.01
N ASP A 212 17.68 3.52 -6.51
CA ASP A 212 18.18 3.21 -7.86
C ASP A 212 18.80 1.82 -7.93
N LYS A 213 19.28 1.30 -6.81
CA LYS A 213 19.88 -0.03 -6.79
C LYS A 213 18.86 -1.11 -6.57
N ILE A 214 17.80 -0.84 -5.78
CA ILE A 214 16.80 -1.90 -5.59
C ILE A 214 15.88 -1.99 -6.79
N ALA A 215 15.70 -0.93 -7.55
CA ALA A 215 14.78 -0.90 -8.68
C ALA A 215 14.96 -2.07 -9.61
N PRO A 216 16.17 -2.36 -10.13
CA PRO A 216 16.31 -3.45 -11.09
C PRO A 216 16.07 -4.83 -10.47
N ILE A 217 16.16 -4.97 -9.18
CA ILE A 217 16.05 -6.28 -8.49
C ILE A 217 14.58 -6.63 -8.35
N ILE A 218 13.73 -5.69 -8.07
CA ILE A 218 12.33 -5.90 -7.67
C ILE A 218 11.39 -5.83 -8.85
N ASP A 219 10.25 -6.47 -8.78
CA ASP A 219 9.15 -6.26 -9.71
C ASP A 219 8.33 -5.02 -9.38
N TYR A 220 8.09 -4.77 -8.10
CA TYR A 220 7.25 -3.66 -7.66
C TYR A 220 7.76 -3.06 -6.39
N PHE A 221 7.57 -1.75 -6.28
CA PHE A 221 7.74 -0.97 -5.06
C PHE A 221 6.32 -0.63 -4.59
N ASN A 222 5.92 -1.17 -3.46
CA ASN A 222 4.56 -1.02 -2.93
C ASN A 222 4.61 0.22 -2.05
N LEU A 223 4.21 1.33 -2.64
CA LEU A 223 4.29 2.65 -2.01
C LEU A 223 3.15 2.78 -0.99
N MET A 224 3.51 2.79 0.28
N MET A 224 3.51 2.79 0.28
CA MET A 224 2.52 2.92 1.36
CA MET A 224 2.52 2.92 1.36
C MET A 224 2.31 4.42 1.60
C MET A 224 2.31 4.42 1.60
N SER A 225 1.65 5.02 0.62
CA SER A 225 1.34 6.47 0.55
C SER A 225 0.13 6.81 1.39
N TYR A 226 0.24 6.59 2.70
CA TYR A 226 -0.81 6.84 3.67
C TYR A 226 -0.15 6.90 5.03
N ASP A 227 -0.93 7.04 6.10
CA ASP A 227 -0.34 7.15 7.45
C ASP A 227 0.48 8.41 7.59
N PHE A 228 0.25 9.46 6.84
CA PHE A 228 1.09 10.62 6.96
C PHE A 228 1.06 11.25 8.36
N THR A 229 -0.04 11.12 9.08
CA THR A 229 -0.21 11.70 10.41
C THR A 229 0.04 10.69 11.52
N ALA A 230 0.55 9.51 11.25
CA ALA A 230 0.81 8.53 12.28
C ALA A 230 1.89 9.15 13.20
N GLY A 231 1.89 8.90 14.41
CA GLY A 231 3.07 9.82 14.92
C GLY A 231 3.01 11.42 15.00
N GLU A 232 1.92 12.04 14.58
CA GLU A 232 1.61 13.47 14.82
C GLU A 232 0.51 13.62 15.83
N THR A 233 0.62 14.61 16.70
CA THR A 233 -0.43 14.96 17.69
C THR A 233 -0.74 16.45 17.61
N GLY A 234 -1.77 16.87 18.30
CA GLY A 234 -2.12 18.30 18.28
C GLY A 234 -2.50 18.74 16.89
N PRO A 235 -2.27 19.98 16.54
CA PRO A 235 -2.68 20.52 15.26
C PRO A 235 -2.16 19.69 14.07
N ASN A 236 -0.96 19.21 14.11
CA ASN A 236 -0.41 18.44 12.98
C ASN A 236 -1.01 17.07 12.84
N GLY A 237 -1.68 16.58 13.85
CA GLY A 237 -2.42 15.33 13.68
C GLY A 237 -3.77 15.55 13.02
N ARG A 238 -4.30 16.76 13.04
CA ARG A 238 -5.59 17.08 12.45
C ARG A 238 -5.39 17.49 10.98
N LYS A 239 -4.84 16.53 10.23
CA LYS A 239 -4.44 16.76 8.83
C LYS A 239 -4.74 15.47 8.08
N HIS A 240 -4.69 15.58 6.74
CA HIS A 240 -4.87 14.37 5.92
C HIS A 240 -3.78 13.36 6.15
N GLN A 241 -4.16 12.08 6.10
CA GLN A 241 -3.19 10.99 6.20
C GLN A 241 -2.72 10.46 4.84
N ALA A 242 -3.42 10.85 3.76
CA ALA A 242 -3.19 10.26 2.42
C ALA A 242 -3.63 11.21 1.35
N ASN A 243 -3.47 12.49 1.54
CA ASN A 243 -3.87 13.45 0.50
C ASN A 243 -3.09 13.19 -0.79
N LEU A 244 -3.83 13.30 -1.93
CA LEU A 244 -3.17 13.11 -3.25
C LEU A 244 -2.26 14.29 -3.59
N PHE A 245 -2.77 15.51 -3.37
CA PHE A 245 -2.03 16.74 -3.61
C PHE A 245 -1.97 17.53 -2.29
N ASP A 246 -1.18 18.60 -2.25
N ASP A 246 -1.23 18.62 -2.26
CA ASP A 246 -1.06 19.47 -1.06
CA ASP A 246 -1.15 19.49 -1.09
C ASP A 246 -2.32 20.31 -0.89
C ASP A 246 -2.40 20.30 -0.90
N SER A 247 -2.58 20.74 0.34
CA SER A 247 -3.62 21.71 0.67
C SER A 247 -3.29 22.27 2.08
N ASP A 248 -4.10 23.21 2.50
CA ASP A 248 -3.94 23.74 3.88
C ASP A 248 -4.21 22.73 4.96
N LEU A 249 -4.84 21.63 4.62
CA LEU A 249 -5.17 20.52 5.57
C LEU A 249 -4.16 19.41 5.47
N SER A 250 -3.06 19.60 4.77
CA SER A 250 -2.04 18.57 4.58
C SER A 250 -0.71 18.95 5.22
N LEU A 251 0.11 18.02 5.52
CA LEU A 251 1.45 18.25 6.06
C LEU A 251 2.40 18.52 4.93
N PRO A 252 3.25 19.59 5.04
CA PRO A 252 4.20 19.89 4.00
C PRO A 252 5.09 18.75 3.57
N GLY A 253 5.18 18.52 2.25
CA GLY A 253 5.99 17.43 1.70
C GLY A 253 5.30 16.10 1.70
N TYR A 254 4.17 15.96 2.42
CA TYR A 254 3.49 14.66 2.50
C TYR A 254 2.25 14.71 1.64
N SER A 255 2.34 14.14 0.45
CA SER A 255 1.22 13.93 -0.47
C SER A 255 1.60 12.66 -1.26
N VAL A 256 0.56 11.98 -1.77
CA VAL A 256 0.81 10.82 -2.62
C VAL A 256 1.65 11.22 -3.83
N ASP A 257 1.25 12.35 -4.46
CA ASP A 257 2.00 12.86 -5.62
C ASP A 257 3.46 13.11 -5.26
N ALA A 258 3.73 13.78 -4.13
CA ALA A 258 5.13 14.01 -3.76
C ALA A 258 5.91 12.73 -3.59
N MET A 259 5.29 11.72 -2.98
N MET A 259 5.30 11.72 -2.97
CA MET A 259 6.00 10.45 -2.80
CA MET A 259 5.98 10.43 -2.76
C MET A 259 6.31 9.76 -4.11
C MET A 259 6.30 9.77 -4.10
N VAL A 260 5.35 9.77 -5.03
CA VAL A 260 5.61 9.20 -6.35
C VAL A 260 6.76 9.94 -7.05
N ARG A 261 6.69 11.27 -7.06
CA ARG A 261 7.74 12.03 -7.74
C ARG A 261 9.09 11.82 -7.09
N ASN A 262 9.13 11.76 -5.75
CA ASN A 262 10.43 11.53 -5.07
C ASN A 262 10.99 10.22 -5.50
N LEU A 263 10.19 9.17 -5.55
CA LEU A 263 10.68 7.86 -5.97
C LEU A 263 11.16 7.89 -7.41
N GLU A 264 10.37 8.48 -8.30
CA GLU A 264 10.77 8.57 -9.72
C GLU A 264 12.11 9.31 -9.83
N ASN A 265 12.22 10.42 -9.15
CA ASN A 265 13.48 11.20 -9.19
C ASN A 265 14.66 10.42 -8.67
N ALA A 266 14.46 9.52 -7.73
CA ALA A 266 15.51 8.70 -7.18
C ALA A 266 15.77 7.43 -8.00
N GLY A 267 15.09 7.22 -9.10
CA GLY A 267 15.41 6.18 -10.05
C GLY A 267 14.46 4.99 -10.06
N MET A 268 13.33 5.06 -9.39
CA MET A 268 12.34 3.96 -9.51
C MET A 268 11.53 4.17 -10.78
N PRO A 269 11.50 3.20 -11.70
CA PRO A 269 10.66 3.33 -12.87
C PRO A 269 9.19 3.48 -12.45
N SER A 270 8.44 4.30 -13.16
N SER A 270 8.46 4.37 -13.10
CA SER A 270 7.04 4.61 -12.86
CA SER A 270 7.05 4.62 -12.79
C SER A 270 6.27 3.30 -12.82
C SER A 270 6.30 3.30 -12.78
N GLU A 271 6.51 2.44 -13.78
CA GLU A 271 5.71 1.26 -13.96
C GLU A 271 5.96 0.22 -12.87
N LYS A 272 6.96 0.41 -12.03
CA LYS A 272 7.17 -0.48 -10.89
C LYS A 272 6.48 0.03 -9.63
N ILE A 273 5.91 1.23 -9.62
CA ILE A 273 5.28 1.75 -8.40
C ILE A 273 3.84 1.29 -8.34
N LEU A 274 3.47 0.68 -7.21
CA LEU A 274 2.05 0.40 -6.87
C LEU A 274 1.64 1.44 -5.85
N LEU A 275 0.58 2.18 -6.12
CA LEU A 275 0.11 3.28 -5.28
C LEU A 275 -0.81 2.70 -4.22
N GLY A 276 -0.45 2.85 -2.94
CA GLY A 276 -1.25 2.30 -1.84
C GLY A 276 -2.34 3.24 -1.38
N ILE A 277 -3.47 2.67 -1.05
CA ILE A 277 -4.68 3.39 -0.58
C ILE A 277 -5.11 2.79 0.76
N PRO A 278 -5.36 3.60 1.78
CA PRO A 278 -5.82 3.08 3.05
C PRO A 278 -7.31 2.83 2.99
N PHE A 279 -7.74 1.70 3.53
CA PHE A 279 -9.16 1.37 3.72
C PHE A 279 -9.53 1.55 5.19
N TYR A 280 -8.93 2.54 5.81
CA TYR A 280 -9.20 2.95 7.19
C TYR A 280 -9.03 4.47 7.29
N GLY A 281 -9.65 5.02 8.30
CA GLY A 281 -9.45 6.42 8.67
C GLY A 281 -8.50 6.60 9.79
N ARG A 282 -7.84 7.74 9.86
N ARG A 282 -7.89 7.75 9.88
CA ARG A 282 -6.90 8.11 10.93
CA ARG A 282 -6.95 8.08 10.94
C ARG A 282 -7.19 9.52 11.40
C ARG A 282 -7.17 9.52 11.39
N LEU A 283 -7.00 9.77 12.68
CA LEU A 283 -6.89 11.14 13.20
C LEU A 283 -5.60 11.15 14.03
N GLY A 284 -4.54 11.71 13.51
CA GLY A 284 -3.29 11.76 14.27
C GLY A 284 -2.79 10.43 14.64
N ALA A 285 -1.99 10.41 15.72
CA ALA A 285 -1.25 9.22 16.12
C ALA A 285 -2.18 8.21 16.74
N THR A 286 -3.26 8.57 17.38
CA THR A 286 -3.92 7.72 18.36
C THR A 286 -5.25 7.15 17.95
N ILE A 287 -5.83 7.60 16.83
CA ILE A 287 -7.20 7.19 16.43
C ILE A 287 -7.12 6.56 15.04
N THR A 288 -7.57 5.33 14.88
CA THR A 288 -7.81 4.73 13.60
C THR A 288 -9.15 4.01 13.64
N ARG A 289 -9.82 3.91 12.52
CA ARG A 289 -11.11 3.22 12.39
C ARG A 289 -11.17 2.55 11.03
N THR A 290 -11.66 1.35 10.93
CA THR A 290 -11.81 0.76 9.60
C THR A 290 -12.82 1.51 8.77
N TYR A 291 -12.80 1.37 7.46
CA TYR A 291 -13.85 1.96 6.64
C TYR A 291 -15.21 1.44 7.07
N ASP A 292 -15.32 0.16 7.40
CA ASP A 292 -16.62 -0.37 7.85
C ASP A 292 -17.07 0.31 9.15
N GLU A 293 -16.19 0.56 10.06
CA GLU A 293 -16.54 1.31 11.29
C GLU A 293 -16.95 2.74 10.92
N LEU A 294 -16.26 3.38 9.99
CA LEU A 294 -16.61 4.75 9.58
C LEU A 294 -18.01 4.77 9.00
N ARG A 295 -18.35 3.83 8.14
N ARG A 295 -18.34 3.83 8.13
CA ARG A 295 -19.70 3.87 7.58
CA ARG A 295 -19.69 3.80 7.53
C ARG A 295 -20.74 3.62 8.66
C ARG A 295 -20.74 3.60 8.61
N ARG A 296 -20.46 2.76 9.60
CA ARG A 296 -21.47 2.39 10.62
C ARG A 296 -21.67 3.57 11.58
N ASP A 297 -20.62 4.22 12.05
CA ASP A 297 -20.62 5.04 13.28
C ASP A 297 -20.18 6.49 13.04
N TYR A 298 -19.62 6.86 11.88
CA TYR A 298 -18.96 8.18 11.72
C TYR A 298 -19.46 8.99 10.54
N ILE A 299 -19.59 8.44 9.34
CA ILE A 299 -19.76 9.33 8.18
C ILE A 299 -21.18 9.92 8.24
N ASN A 300 -21.29 11.23 8.52
CA ASN A 300 -22.56 11.94 8.71
C ASN A 300 -23.36 11.24 9.84
N LYS A 301 -22.71 10.82 10.90
CA LYS A 301 -23.34 10.21 12.08
C LYS A 301 -22.65 10.72 13.34
N ASN A 302 -23.40 10.71 14.47
CA ASN A 302 -22.78 10.94 15.79
C ASN A 302 -22.03 12.28 15.83
N GLY A 303 -22.54 13.30 15.13
CA GLY A 303 -21.92 14.63 15.12
C GLY A 303 -20.73 14.83 14.19
N TYR A 304 -20.34 13.78 13.49
CA TYR A 304 -19.26 13.90 12.50
C TYR A 304 -19.91 14.19 11.15
N GLU A 305 -19.35 15.10 10.42
CA GLU A 305 -19.88 15.46 9.10
C GLU A 305 -18.83 15.29 8.01
N TYR A 306 -19.30 14.79 6.88
CA TYR A 306 -18.48 14.66 5.67
C TYR A 306 -18.08 16.00 5.11
N ARG A 307 -16.85 16.07 4.65
CA ARG A 307 -16.33 17.14 3.83
C ARG A 307 -15.46 16.53 2.74
N PHE A 308 -15.28 17.23 1.63
CA PHE A 308 -14.32 16.84 0.61
C PHE A 308 -13.37 17.96 0.40
N ASP A 309 -12.07 17.75 0.54
CA ASP A 309 -11.02 18.74 0.30
C ASP A 309 -10.73 18.68 -1.19
N ASN A 310 -11.29 19.63 -1.96
CA ASN A 310 -11.18 19.60 -3.43
C ASN A 310 -9.77 19.92 -3.86
N THR A 311 -8.91 20.49 -3.03
CA THR A 311 -7.53 20.84 -3.34
C THR A 311 -6.65 19.59 -3.17
N ALA A 312 -6.73 18.98 -1.98
CA ALA A 312 -5.99 17.76 -1.66
C ALA A 312 -6.56 16.53 -2.39
N GLN A 313 -7.83 16.58 -2.71
CA GLN A 313 -8.57 15.55 -3.44
C GLN A 313 -8.88 14.35 -2.58
N VAL A 314 -9.20 14.56 -1.31
CA VAL A 314 -9.57 13.50 -0.37
C VAL A 314 -10.67 13.95 0.55
N PRO A 315 -11.48 13.03 1.04
CA PRO A 315 -12.54 13.31 2.02
C PRO A 315 -11.98 13.36 3.44
N TYR A 316 -12.76 14.00 4.31
CA TYR A 316 -12.45 14.03 5.72
C TYR A 316 -13.74 14.26 6.47
N LEU A 317 -13.67 14.05 7.79
CA LEU A 317 -14.81 14.36 8.66
C LEU A 317 -14.41 15.49 9.61
N VAL A 318 -15.40 16.28 9.99
CA VAL A 318 -15.27 17.32 11.02
C VAL A 318 -16.26 17.01 12.14
N LYS A 319 -15.90 17.42 13.35
CA LYS A 319 -16.78 17.29 14.51
C LYS A 319 -16.47 18.45 15.42
N ASP A 320 -17.51 19.13 15.86
CA ASP A 320 -17.35 20.25 16.80
C ASP A 320 -16.43 21.29 16.23
N GLY A 321 -16.46 21.48 14.92
CA GLY A 321 -15.64 22.52 14.33
C GLY A 321 -14.22 22.12 14.04
N ASP A 322 -13.83 20.90 14.33
CA ASP A 322 -12.41 20.48 14.13
C ASP A 322 -12.32 19.31 13.12
N PHE A 323 -11.22 19.33 12.41
CA PHE A 323 -10.85 18.14 11.59
C PHE A 323 -10.80 16.93 12.48
N ALA A 324 -11.49 15.85 12.14
CA ALA A 324 -11.74 14.72 13.05
C ALA A 324 -11.43 13.36 12.45
N MET A 325 -11.24 13.22 11.15
CA MET A 325 -10.95 11.91 10.56
C MET A 325 -10.46 12.13 9.14
N SER A 326 -9.48 11.35 8.71
CA SER A 326 -8.97 11.36 7.34
C SER A 326 -9.10 9.99 6.75
N TYR A 327 -9.71 9.82 5.58
CA TYR A 327 -9.95 8.48 4.98
C TYR A 327 -10.05 8.64 3.47
N ASP A 328 -10.28 7.55 2.78
CA ASP A 328 -10.51 7.49 1.32
C ASP A 328 -11.89 6.96 1.04
N ASP A 329 -12.50 7.52 0.00
CA ASP A 329 -13.85 7.10 -0.44
C ASP A 329 -13.84 6.90 -1.94
N ALA A 330 -15.02 6.70 -2.52
CA ALA A 330 -15.10 6.41 -3.96
C ALA A 330 -14.52 7.52 -4.78
N LEU A 331 -14.75 8.78 -4.45
CA LEU A 331 -14.24 9.90 -5.24
C LEU A 331 -12.73 9.95 -5.15
N SER A 332 -12.16 9.86 -3.94
CA SER A 332 -10.71 9.94 -3.86
C SER A 332 -10.05 8.74 -4.54
N ILE A 333 -10.70 7.58 -4.49
CA ILE A 333 -10.16 6.40 -5.18
C ILE A 333 -10.24 6.58 -6.69
N PHE A 334 -11.32 7.16 -7.22
CA PHE A 334 -11.36 7.54 -8.64
C PHE A 334 -10.15 8.40 -8.99
N LEU A 335 -9.89 9.42 -8.18
CA LEU A 335 -8.80 10.36 -8.50
C LEU A 335 -7.45 9.74 -8.40
N LYS A 336 -7.25 8.85 -7.42
CA LYS A 336 -5.96 8.16 -7.25
C LYS A 336 -5.73 7.14 -8.38
N THR A 337 -6.78 6.42 -8.77
CA THR A 337 -6.65 5.49 -9.90
C THR A 337 -6.43 6.25 -11.20
N GLN A 338 -7.08 7.42 -11.38
CA GLN A 338 -6.75 8.26 -12.52
C GLN A 338 -5.29 8.65 -12.45
N TYR A 339 -4.75 8.98 -11.28
CA TYR A 339 -3.32 9.31 -11.16
C TYR A 339 -2.47 8.14 -11.65
N VAL A 340 -2.82 6.91 -11.24
CA VAL A 340 -2.08 5.75 -11.68
C VAL A 340 -2.05 5.65 -13.22
N LEU A 341 -3.24 5.78 -13.83
CA LEU A 341 -3.36 5.66 -15.29
C LEU A 341 -2.63 6.77 -15.99
N ARG A 342 -2.80 8.01 -15.55
CA ARG A 342 -2.21 9.17 -16.20
C ARG A 342 -0.71 9.15 -16.09
N ASN A 343 -0.14 8.66 -14.98
CA ASN A 343 1.28 8.71 -14.69
C ASN A 343 2.02 7.41 -14.99
N CYS A 344 1.35 6.46 -15.63
CA CYS A 344 1.98 5.23 -16.08
C CYS A 344 2.62 4.46 -14.92
N LEU A 345 1.89 4.43 -13.78
CA LEU A 345 2.32 3.62 -12.65
C LEU A 345 1.91 2.17 -12.85
N GLY A 346 2.45 1.30 -11.99
CA GLY A 346 2.22 -0.14 -12.15
C GLY A 346 0.89 -0.59 -11.66
N GLY A 347 0.18 0.15 -10.83
CA GLY A 347 -1.05 -0.31 -10.30
C GLY A 347 -1.36 0.35 -8.97
N VAL A 348 -2.24 -0.29 -8.22
CA VAL A 348 -2.82 0.23 -6.98
C VAL A 348 -3.01 -0.91 -6.02
N PHE A 349 -2.92 -0.62 -4.73
CA PHE A 349 -3.25 -1.64 -3.73
C PHE A 349 -3.93 -1.03 -2.56
N SER A 350 -4.63 -1.85 -1.78
CA SER A 350 -5.26 -1.44 -0.53
C SER A 350 -4.60 -1.98 0.71
N TRP A 351 -4.74 -1.23 1.75
N TRP A 351 -4.70 -1.22 1.78
CA TRP A 351 -4.36 -1.65 3.09
CA TRP A 351 -4.32 -1.63 3.14
C TRP A 351 -5.58 -1.45 3.98
C TRP A 351 -5.55 -1.42 4.03
N THR A 352 -6.32 -2.50 4.37
N THR A 352 -6.32 -2.49 4.35
CA THR A 352 -6.26 -3.88 3.97
CA THR A 352 -6.23 -3.87 3.97
C THR A 352 -7.65 -4.35 3.60
C THR A 352 -7.63 -4.35 3.64
N SER A 353 -7.77 -5.48 2.96
N SER A 353 -7.75 -5.49 3.02
CA SER A 353 -9.07 -5.95 2.47
CA SER A 353 -9.06 -5.91 2.51
C SER A 353 -10.11 -6.09 3.56
C SER A 353 -10.11 -6.06 3.59
N THR A 354 -9.71 -6.56 4.74
CA THR A 354 -10.67 -6.91 5.79
C THR A 354 -11.20 -5.67 6.51
N TYR A 355 -10.72 -4.50 6.21
CA TYR A 355 -11.30 -3.24 6.70
C TYR A 355 -12.51 -2.83 5.87
N ASP A 356 -12.77 -3.54 4.78
CA ASP A 356 -13.79 -3.24 3.76
C ASP A 356 -14.49 -4.54 3.40
N GLN A 357 -15.19 -5.11 4.36
CA GLN A 357 -15.72 -6.47 4.23
C GLN A 357 -16.77 -6.58 3.12
N ALA A 358 -17.45 -5.53 2.73
CA ALA A 358 -18.40 -5.55 1.63
C ALA A 358 -17.77 -5.28 0.29
N ASN A 359 -16.43 -5.05 0.25
CA ASN A 359 -15.71 -4.78 -0.99
C ASN A 359 -16.25 -3.54 -1.71
N ILE A 360 -16.73 -2.59 -0.92
CA ILE A 360 -17.20 -1.31 -1.49
C ILE A 360 -16.00 -0.53 -2.07
N LEU A 361 -15.01 -0.34 -1.21
CA LEU A 361 -13.78 0.37 -1.67
C LEU A 361 -13.00 -0.45 -2.66
N ALA A 362 -12.90 -1.77 -2.43
CA ALA A 362 -12.13 -2.64 -3.34
C ALA A 362 -12.73 -2.60 -4.77
N ARG A 363 -14.06 -2.66 -4.84
CA ARG A 363 -14.69 -2.56 -6.15
C ARG A 363 -14.34 -1.24 -6.83
N THR A 364 -14.43 -0.14 -6.08
N THR A 364 -14.39 -0.12 -6.06
CA THR A 364 -14.09 1.16 -6.65
CA THR A 364 -14.08 1.19 -6.65
C THR A 364 -12.65 1.16 -7.18
C THR A 364 -12.65 1.20 -7.15
N MET A 365 -11.72 0.61 -6.40
CA MET A 365 -10.35 0.57 -6.83
C MET A 365 -10.21 -0.23 -8.08
N SER A 366 -10.91 -1.38 -8.15
CA SER A 366 -10.82 -2.26 -9.29
C SER A 366 -11.37 -1.63 -10.59
N ILE A 367 -12.59 -1.04 -10.50
CA ILE A 367 -13.16 -0.34 -11.65
C ILE A 367 -12.45 0.93 -11.96
N GLY A 368 -11.82 1.57 -10.99
CA GLY A 368 -10.99 2.75 -11.26
C GLY A 368 -9.83 2.44 -12.18
N ILE A 369 -9.30 1.24 -12.11
CA ILE A 369 -8.24 0.82 -13.04
C ILE A 369 -8.83 0.24 -14.33
N ASN A 370 -9.84 -0.61 -14.18
CA ASN A 370 -10.28 -1.46 -15.31
C ASN A 370 -11.47 -0.94 -16.05
N ASP A 371 -12.28 -0.05 -15.49
CA ASP A 371 -13.47 0.51 -16.16
C ASP A 371 -13.77 1.90 -15.60
N PRO A 372 -12.87 2.86 -15.83
CA PRO A 372 -13.02 4.16 -15.22
C PRO A 372 -14.26 4.91 -15.64
N GLU A 373 -14.74 4.65 -16.87
CA GLU A 373 -15.98 5.33 -17.31
C GLU A 373 -17.16 4.89 -16.43
N VAL A 374 -17.24 3.67 -15.99
CA VAL A 374 -18.34 3.23 -15.10
C VAL A 374 -18.19 3.95 -13.77
N LEU A 375 -16.98 4.05 -13.22
CA LEU A 375 -16.77 4.75 -11.95
C LEU A 375 -17.16 6.21 -12.09
N LYS A 376 -16.75 6.88 -13.16
CA LYS A 376 -17.17 8.28 -13.33
C LYS A 376 -18.70 8.40 -13.37
N GLU A 377 -19.35 7.52 -14.12
CA GLU A 377 -20.82 7.58 -14.21
C GLU A 377 -21.45 7.40 -12.83
N GLU A 378 -20.96 6.46 -12.05
CA GLU A 378 -21.48 6.25 -10.70
C GLU A 378 -21.29 7.49 -9.86
N LEU A 379 -20.15 8.14 -9.95
CA LEU A 379 -19.88 9.36 -9.19
C LEU A 379 -20.78 10.50 -9.67
N GLU A 380 -21.07 10.57 -10.96
CA GLU A 380 -21.97 11.62 -11.45
C GLU A 380 -23.39 11.38 -10.89
N GLY A 381 -23.77 10.20 -10.50
CA GLY A 381 -25.05 9.96 -9.81
C GLY A 381 -25.10 10.56 -8.43
N ILE A 382 -24.00 10.91 -7.82
CA ILE A 382 -23.95 11.61 -6.52
C ILE A 382 -23.67 13.09 -6.79
N TYR A 383 -22.78 13.46 -7.65
CA TYR A 383 -22.32 14.87 -7.76
C TYR A 383 -22.87 15.54 -9.01
N GLY A 384 -23.65 14.92 -9.85
CA GLY A 384 -24.01 15.54 -11.15
C GLY A 384 -22.83 15.51 -12.11
N GLN A 385 -23.09 15.86 -13.35
CA GLN A 385 -22.10 15.74 -14.44
C GLN A 385 -20.88 16.61 -14.13
N PHE A 386 -19.67 16.07 -14.23
CA PHE A 386 -18.41 16.85 -13.96
C PHE A 386 -17.41 16.41 -15.02
N GLY B 1 4.25 2.15 8.21
CA GLY B 1 3.78 2.74 9.43
C GLY B 1 2.82 1.81 10.16
N PRO B 2 2.37 2.25 11.36
CA PRO B 2 1.59 1.39 12.26
C PRO B 2 0.19 1.12 11.73
N ALA B 3 -0.40 2.01 10.87
CA ALA B 3 -1.78 1.85 10.39
C ALA B 3 -2.63 1.51 11.62
N MET B 4 -3.41 0.43 11.64
CA MET B 4 -4.32 0.17 12.77
C MET B 4 -3.66 -0.65 13.89
N LYS B 5 -2.34 -0.89 13.87
CA LYS B 5 -1.71 -1.91 14.76
C LYS B 5 -1.62 -1.34 16.19
#